data_3M4A
#
_entry.id   3M4A
#
_cell.length_a   119.670
_cell.length_b   53.440
_cell.length_c   77.360
_cell.angle_alpha   90.00
_cell.angle_beta   96.33
_cell.angle_gamma   90.00
#
_symmetry.space_group_name_H-M   'C 1 2 1'
#
loop_
_entity.id
_entity.type
_entity.pdbx_description
1 polymer 'Putative Type I topoisomerase'
2 polymer "DNA (5'-D(*GP*AP*AP*TP*AP*AP*GP*GP*GP*CP*GP*C)-3')"
3 polymer "DNA (5'-D(*GP*CP*GP*CP*CP*CP*TP*TP*AP*TP*TP*C)-3')"
4 non-polymer 'ACETIC ACID'
5 non-polymer 'MAGNESIUM ION'
6 water water
#
loop_
_entity_poly.entity_id
_entity_poly.type
_entity_poly.pdbx_seq_one_letter_code
_entity_poly.pdbx_strand_id
1 'polypeptide(L)'
;MPSRTELLAEEYLRREGHDPQKFRYVHPDGTPYTDADGLARIARLAVPPAYQDVYVSPDAENELQAFGRDAAGRLQYRYH
PDFVQAGALKKWQRLTRFAGALPTLKVATTADLRASGLPPRKVMALMTRLLHVARFRVGSDIYARQHKTYGLSTLRQRHV
VVDGNTVTFRFKGKHGVSQHKATSDRTLAANMQKLLDLPGPWLFQTVDAGGGERRRIHSTELNAYLREVIGPFTAKDFRT
WGGTLLAAEYLAQQGTESSERQAKKVLVDCVKFVADDLGNTPAVTRGSYICPVIFDRYLDGKVLDDYEPRTERQEAELEG
LTRSEGALKRMLESERTLRQRGRALK
;
A
2 'polydeoxyribonucleotide' (DG)(DA)(DA)(DT)(DA)(DA)(DG)(DG)(DG)(DC)(DG)(DC) D
3 'polydeoxyribonucleotide' (DG)(DC)(DG)(DC)(DC)(DC)(DT)(DT)(DA)(DT)(DT)(DC) E
#
loop_
_chem_comp.id
_chem_comp.type
_chem_comp.name
_chem_comp.formula
ACY non-polymer 'ACETIC ACID' 'C2 H4 O2'
DA DNA linking 2'-DEOXYADENOSINE-5'-MONOPHOSPHATE 'C10 H14 N5 O6 P'
DC DNA linking 2'-DEOXYCYTIDINE-5'-MONOPHOSPHATE 'C9 H14 N3 O7 P'
DG DNA linking 2'-DEOXYGUANOSINE-5'-MONOPHOSPHATE 'C10 H14 N5 O7 P'
DT DNA linking THYMIDINE-5'-MONOPHOSPHATE 'C10 H15 N2 O8 P'
MG non-polymer 'MAGNESIUM ION' 'Mg 2'
#
# COMPACT_ATOMS: atom_id res chain seq x y z
N PRO A 2 9.17 0.67 16.60
CA PRO A 2 10.36 -0.09 16.24
C PRO A 2 10.48 -0.33 14.72
N SER A 3 11.65 -0.76 14.26
CA SER A 3 11.84 -1.08 12.83
C SER A 3 11.32 -2.50 12.55
N ARG A 4 11.23 -2.84 11.26
CA ARG A 4 10.75 -4.17 10.86
C ARG A 4 11.70 -5.28 11.25
N THR A 5 12.98 -5.13 10.90
CA THR A 5 13.99 -6.14 11.22
C THR A 5 14.16 -6.29 12.73
N GLU A 6 14.01 -5.19 13.47
CA GLU A 6 13.98 -5.22 14.93
C GLU A 6 12.84 -6.12 15.44
N LEU A 7 11.66 -5.97 14.85
CA LEU A 7 10.51 -6.82 15.18
C LEU A 7 10.74 -8.27 14.78
N LEU A 8 11.14 -8.51 13.52
CA LEU A 8 11.41 -9.87 13.05
C LEU A 8 12.54 -10.55 13.85
N ALA A 9 13.37 -9.75 14.50
CA ALA A 9 14.37 -10.24 15.45
C ALA A 9 13.75 -10.37 16.84
N ARG A 14 19.08 -16.77 14.55
CA ARG A 14 20.35 -16.16 14.16
C ARG A 14 21.33 -17.19 13.60
N ARG A 15 22.08 -16.79 12.58
CA ARG A 15 23.09 -17.65 11.96
C ARG A 15 24.47 -17.34 12.55
N ALA A 40 17.79 -28.18 5.62
CA ALA A 40 17.76 -28.44 4.18
C ALA A 40 17.23 -27.23 3.41
N ARG A 41 16.15 -26.64 3.92
CA ARG A 41 15.55 -25.44 3.31
C ARG A 41 16.52 -24.27 3.36
N ILE A 42 17.08 -24.02 4.55
CA ILE A 42 18.03 -22.92 4.76
C ILE A 42 19.22 -23.03 3.81
N ALA A 43 19.65 -24.26 3.53
CA ALA A 43 20.76 -24.50 2.59
C ALA A 43 20.41 -24.13 1.16
N ARG A 44 19.18 -24.41 0.73
CA ARG A 44 18.74 -24.09 -0.65
C ARG A 44 18.60 -22.57 -0.89
N LEU A 45 18.43 -21.81 0.19
CA LEU A 45 18.39 -20.35 0.09
C LEU A 45 19.73 -19.76 -0.36
N ALA A 46 20.82 -20.44 0.00
CA ALA A 46 22.16 -20.05 -0.39
C ALA A 46 22.46 -18.59 -0.02
N VAL A 47 22.26 -18.29 1.26
CA VAL A 47 22.55 -16.96 1.80
C VAL A 47 24.06 -16.76 1.83
N PRO A 48 24.59 -15.77 1.08
CA PRO A 48 26.04 -15.55 1.01
C PRO A 48 26.71 -15.53 2.39
N PRO A 49 27.81 -16.30 2.55
CA PRO A 49 28.44 -16.50 3.87
C PRO A 49 29.09 -15.24 4.46
N ALA A 50 29.43 -14.27 3.61
CA ALA A 50 30.04 -13.01 4.06
C ALA A 50 29.02 -12.05 4.70
N TYR A 51 27.73 -12.30 4.49
CA TYR A 51 26.67 -11.50 5.13
C TYR A 51 26.80 -11.56 6.64
N GLN A 52 26.56 -10.43 7.29
CA GLN A 52 26.75 -10.31 8.74
C GLN A 52 25.40 -10.20 9.45
N ASP A 53 25.35 -10.70 10.68
CA ASP A 53 24.13 -10.73 11.50
C ASP A 53 22.93 -11.22 10.66
N VAL A 54 23.05 -12.45 10.17
CA VAL A 54 22.02 -13.06 9.33
C VAL A 54 20.91 -13.64 10.22
N TYR A 55 19.66 -13.35 9.84
CA TYR A 55 18.48 -13.93 10.48
C TYR A 55 17.73 -14.78 9.44
N VAL A 56 17.14 -15.87 9.91
CA VAL A 56 16.46 -16.82 9.03
C VAL A 56 15.09 -17.18 9.60
N SER A 57 14.12 -17.38 8.71
CA SER A 57 12.79 -17.79 9.12
C SER A 57 12.84 -19.20 9.68
N PRO A 58 12.26 -19.43 10.87
CA PRO A 58 12.17 -20.79 11.42
C PRO A 58 10.96 -21.56 10.85
N ASP A 59 10.59 -21.25 9.60
CA ASP A 59 9.32 -21.68 9.03
C ASP A 59 9.41 -21.65 7.50
N ALA A 60 8.85 -22.67 6.85
CA ALA A 60 8.94 -22.79 5.40
C ALA A 60 8.00 -21.85 4.65
N GLU A 61 7.00 -21.28 5.35
CA GLU A 61 5.94 -20.51 4.72
C GLU A 61 6.23 -19.00 4.60
N ASN A 62 6.92 -18.44 5.60
CA ASN A 62 7.21 -16.99 5.63
C ASN A 62 7.72 -16.41 4.31
N GLU A 63 7.07 -15.33 3.85
CA GLU A 63 7.46 -14.66 2.61
C GLU A 63 8.88 -14.08 2.65
N LEU A 64 9.33 -13.68 3.84
CA LEU A 64 10.73 -13.27 4.04
C LEU A 64 11.50 -14.41 4.70
N GLN A 65 12.35 -15.07 3.92
CA GLN A 65 13.04 -16.29 4.36
C GLN A 65 14.36 -16.01 5.08
N ALA A 66 15.06 -14.95 4.70
CA ALA A 66 16.27 -14.53 5.41
C ALA A 66 16.65 -13.07 5.16
N PHE A 67 17.32 -12.46 6.14
CA PHE A 67 17.85 -11.10 6.01
C PHE A 67 19.15 -10.88 6.82
N GLY A 68 20.06 -10.07 6.26
CA GLY A 68 21.31 -9.72 6.93
C GLY A 68 21.91 -8.45 6.36
N ARG A 69 23.20 -8.23 6.63
CA ARG A 69 23.88 -7.00 6.19
C ARG A 69 25.21 -7.30 5.50
N ASP A 70 25.45 -6.61 4.38
CA ASP A 70 26.73 -6.67 3.68
C ASP A 70 27.74 -5.74 4.35
N ALA A 71 28.97 -5.72 3.85
CA ALA A 71 30.04 -4.90 4.42
C ALA A 71 29.64 -3.43 4.56
N ALA A 72 28.99 -2.89 3.52
CA ALA A 72 28.53 -1.50 3.54
C ALA A 72 27.41 -1.30 4.56
N ARG A 74 24.38 -2.33 4.39
CA ARG A 74 23.05 -2.32 3.77
C ARG A 74 22.36 -3.68 3.93
N LEU A 75 21.04 -3.65 4.11
CA LEU A 75 20.25 -4.89 4.29
C LEU A 75 20.06 -5.67 2.99
N GLN A 76 20.22 -6.98 3.07
CA GLN A 76 20.04 -7.89 1.93
C GLN A 76 19.02 -8.95 2.35
N TYR A 77 18.22 -9.41 1.39
CA TYR A 77 17.11 -10.32 1.70
C TYR A 77 17.03 -11.52 0.76
N ARG A 78 16.51 -12.62 1.28
CA ARG A 78 16.10 -13.75 0.45
C ARG A 78 14.64 -14.10 0.74
N TYR A 79 13.88 -14.34 -0.32
CA TYR A 79 12.42 -14.43 -0.22
C TYR A 79 11.90 -15.84 -0.55
N HIS A 80 10.65 -16.09 -0.15
CA HIS A 80 9.94 -17.29 -0.55
C HIS A 80 9.61 -17.16 -2.03
N PRO A 81 9.86 -18.22 -2.83
CA PRO A 81 9.69 -18.12 -4.29
C PRO A 81 8.25 -17.87 -4.76
N ASP A 82 7.27 -18.31 -3.98
CA ASP A 82 5.85 -18.08 -4.32
C ASP A 82 5.47 -16.59 -4.31
N PHE A 83 6.30 -15.75 -3.68
CA PHE A 83 6.04 -14.31 -3.61
C PHE A 83 6.90 -13.49 -4.57
N VAL A 84 7.79 -14.15 -5.31
CA VAL A 84 8.66 -13.46 -6.26
C VAL A 84 8.24 -13.72 -7.71
N ALA A 88 3.83 -18.79 -7.60
CA ALA A 88 2.61 -18.28 -8.23
C ALA A 88 1.42 -18.55 -7.31
N LEU A 89 0.74 -17.49 -6.93
CA LEU A 89 -0.35 -17.56 -5.97
C LEU A 89 -1.55 -16.89 -6.60
N LYS A 90 -2.74 -17.27 -6.13
CA LYS A 90 -3.95 -16.55 -6.47
C LYS A 90 -3.97 -15.22 -5.75
N LYS A 91 -4.67 -14.26 -6.32
CA LYS A 91 -4.75 -12.91 -5.77
CA LYS A 91 -4.74 -12.92 -5.76
C LYS A 91 -5.18 -12.95 -4.31
N TRP A 92 -6.20 -13.75 -4.00
CA TRP A 92 -6.70 -13.80 -2.63
C TRP A 92 -5.63 -14.29 -1.65
N GLN A 93 -4.77 -15.21 -2.11
CA GLN A 93 -3.65 -15.71 -1.29
C GLN A 93 -2.59 -14.63 -1.03
N ARG A 94 -2.17 -13.96 -2.10
CA ARG A 94 -1.17 -12.90 -1.96
C ARG A 94 -1.69 -11.76 -1.08
N LEU A 95 -2.96 -11.39 -1.26
CA LEU A 95 -3.53 -10.28 -0.49
C LEU A 95 -3.75 -10.60 0.99
N THR A 96 -4.12 -11.84 1.30
CA THR A 96 -4.25 -12.25 2.70
C THR A 96 -2.90 -12.12 3.39
N ARG A 97 -1.84 -12.54 2.70
CA ARG A 97 -0.51 -12.44 3.26
C ARG A 97 -0.05 -10.98 3.34
N PHE A 98 -0.35 -10.19 2.31
CA PHE A 98 -0.07 -8.75 2.36
C PHE A 98 -0.75 -8.09 3.57
N ALA A 99 -2.01 -8.44 3.85
CA ALA A 99 -2.72 -7.90 5.00
C ALA A 99 -2.02 -8.29 6.30
N GLY A 100 -1.37 -9.45 6.30
CA GLY A 100 -0.54 -9.88 7.42
C GLY A 100 0.72 -9.06 7.65
N ALA A 101 1.22 -8.40 6.60
CA ALA A 101 2.43 -7.55 6.64
C ALA A 101 2.10 -6.09 6.96
N LEU A 102 0.83 -5.70 6.87
CA LEU A 102 0.50 -4.29 7.04
C LEU A 102 0.65 -3.80 8.49
N PRO A 103 0.30 -4.63 9.50
CA PRO A 103 0.55 -4.15 10.87
C PRO A 103 2.03 -3.84 11.16
N THR A 104 2.92 -4.69 10.67
CA THR A 104 4.36 -4.43 10.79
C THR A 104 4.78 -3.16 10.04
N LEU A 105 4.22 -2.97 8.84
CA LEU A 105 4.44 -1.73 8.09
C LEU A 105 4.08 -0.52 8.92
N LYS A 106 2.92 -0.56 9.57
CA LYS A 106 2.43 0.56 10.39
C LYS A 106 3.37 0.88 11.56
N VAL A 107 3.88 -0.16 12.21
CA VAL A 107 4.84 0.05 13.30
C VAL A 107 6.09 0.75 12.79
N ALA A 108 6.62 0.24 11.68
CA ALA A 108 7.84 0.78 11.09
C ALA A 108 7.64 2.22 10.61
N THR A 109 6.54 2.48 9.90
CA THR A 109 6.32 3.83 9.36
C THR A 109 5.98 4.84 10.47
N THR A 110 5.22 4.43 11.47
CA THR A 110 4.98 5.33 12.63
C THR A 110 6.31 5.73 13.28
N ALA A 111 7.20 4.76 13.50
CA ALA A 111 8.49 5.05 14.10
C ALA A 111 9.23 6.14 13.33
N ASP A 112 9.30 5.98 12.01
CA ASP A 112 9.94 7.00 11.15
C ASP A 112 9.25 8.35 11.16
N LEU A 113 7.93 8.36 11.29
CA LEU A 113 7.17 9.61 11.34
C LEU A 113 7.38 10.43 12.61
N ARG A 114 7.78 9.78 13.69
CA ARG A 114 7.97 10.47 14.99
C ARG A 114 9.21 11.36 15.02
N ALA A 115 10.08 11.21 14.02
CA ALA A 115 11.27 12.06 13.90
C ALA A 115 10.96 13.56 13.71
N SER A 116 11.88 14.42 14.11
CA SER A 116 11.67 15.85 13.96
CA SER A 116 11.72 15.86 13.99
C SER A 116 12.13 16.30 12.58
N GLY A 117 11.54 17.40 12.12
CA GLY A 117 11.83 17.97 10.80
C GLY A 117 11.36 17.07 9.67
N LEU A 118 12.11 17.07 8.57
CA LEU A 118 11.73 16.29 7.39
C LEU A 118 12.90 15.43 6.87
N PRO A 119 13.39 14.49 7.71
CA PRO A 119 14.49 13.62 7.26
C PRO A 119 13.99 12.58 6.24
N PRO A 120 14.91 11.92 5.54
CA PRO A 120 14.52 11.05 4.42
C PRO A 120 13.48 9.98 4.77
N ARG A 121 13.69 9.26 5.87
CA ARG A 121 12.78 8.18 6.23
C ARG A 121 11.40 8.71 6.63
N LYS A 122 11.33 9.92 7.19
CA LYS A 122 10.02 10.50 7.52
C LYS A 122 9.23 10.86 6.24
N VAL A 123 9.92 11.49 5.29
CA VAL A 123 9.26 11.83 4.01
C VAL A 123 8.86 10.54 3.28
N MET A 124 9.71 9.53 3.30
CA MET A 124 9.36 8.24 2.68
C MET A 124 8.21 7.52 3.41
N ALA A 125 8.17 7.64 4.74
CA ALA A 125 7.02 7.10 5.49
C ALA A 125 5.72 7.81 5.10
N LEU A 126 5.77 9.12 4.90
CA LEU A 126 4.59 9.89 4.47
C LEU A 126 4.15 9.43 3.07
N MET A 127 5.13 9.23 2.19
CA MET A 127 4.83 8.76 0.84
C MET A 127 4.24 7.35 0.84
N THR A 128 4.74 6.49 1.73
CA THR A 128 4.25 5.12 1.87
C THR A 128 2.82 5.15 2.40
N ARG A 129 2.54 6.04 3.34
CA ARG A 129 1.15 6.19 3.81
C ARG A 129 0.26 6.61 2.65
N LEU A 130 0.71 7.53 1.82
CA LEU A 130 -0.09 7.94 0.64
C LEU A 130 -0.34 6.78 -0.36
N LEU A 131 0.65 5.93 -0.59
CA LEU A 131 0.46 4.73 -1.41
C LEU A 131 -0.62 3.84 -0.82
N HIS A 132 -0.58 3.67 0.50
CA HIS A 132 -1.49 2.79 1.20
C HIS A 132 -2.92 3.33 1.18
N VAL A 133 -3.11 4.57 1.62
CA VAL A 133 -4.46 5.09 1.84
C VAL A 133 -5.06 5.74 0.60
N ALA A 134 -4.24 6.10 -0.39
CA ALA A 134 -4.73 6.77 -1.60
C ALA A 134 -4.38 6.09 -2.93
N ARG A 135 -3.62 4.99 -2.87
CA ARG A 135 -3.51 4.07 -4.02
C ARG A 135 -2.80 4.74 -5.21
N PHE A 136 -1.83 5.59 -4.89
CA PHE A 136 -0.98 6.17 -5.92
C PHE A 136 -0.07 5.13 -6.60
N ARG A 137 0.29 5.42 -7.84
CA ARG A 137 1.46 4.83 -8.47
C ARG A 137 2.70 5.58 -8.00
N VAL A 138 3.84 4.93 -7.95
CA VAL A 138 5.07 5.59 -7.50
C VAL A 138 5.63 6.57 -8.57
N GLY A 139 5.58 6.15 -9.83
CA GLY A 139 6.10 6.96 -10.93
C GLY A 139 7.61 6.85 -11.03
N SER A 140 8.17 7.53 -12.02
CA SER A 140 9.64 7.63 -12.18
C SER A 140 9.99 8.91 -12.95
N ASP A 141 11.18 9.45 -12.70
CA ASP A 141 11.62 10.71 -13.31
C ASP A 141 11.73 10.59 -14.83
N ILE A 142 12.34 9.52 -15.30
CA ILE A 142 12.56 9.34 -16.74
C ILE A 142 11.22 9.22 -17.46
N TYR A 143 10.28 8.46 -16.88
CA TYR A 143 8.94 8.33 -17.45
C TYR A 143 8.20 9.67 -17.46
N ALA A 144 8.25 10.39 -16.34
CA ALA A 144 7.60 11.69 -16.26
C ALA A 144 8.18 12.70 -17.27
N ARG A 145 9.50 12.71 -17.43
CA ARG A 145 10.16 13.66 -18.33
C ARG A 145 9.73 13.45 -19.79
N GLN A 146 9.53 12.19 -20.18
CA GLN A 146 9.15 11.89 -21.56
C GLN A 146 7.65 12.05 -21.79
N HIS A 147 6.84 11.63 -20.82
CA HIS A 147 5.39 11.57 -21.04
C HIS A 147 4.63 12.79 -20.51
N LYS A 148 5.29 13.59 -19.67
CA LYS A 148 4.68 14.77 -19.05
C LYS A 148 3.41 14.38 -18.28
N THR A 149 3.50 13.22 -17.62
CA THR A 149 2.47 12.77 -16.68
C THR A 149 3.16 12.38 -15.38
N TYR A 150 2.38 12.29 -14.31
CA TYR A 150 2.93 12.25 -12.96
C TYR A 150 2.44 11.07 -12.13
N GLY A 151 3.26 10.72 -11.13
CA GLY A 151 2.94 9.73 -10.13
C GLY A 151 3.40 10.31 -8.81
N LEU A 152 3.31 9.56 -7.73
CA LEU A 152 3.59 10.14 -6.41
C LEU A 152 4.97 10.80 -6.32
N SER A 153 6.01 10.11 -6.78
CA SER A 153 7.39 10.57 -6.60
C SER A 153 7.76 11.73 -7.51
N THR A 154 6.93 12.01 -8.51
CA THR A 154 7.15 13.09 -9.46
C THR A 154 6.12 14.22 -9.33
N LEU A 155 5.35 14.23 -8.22
CA LEU A 155 4.39 15.30 -8.01
C LEU A 155 5.11 16.62 -7.76
N ARG A 156 4.47 17.67 -8.25
CA ARG A 156 4.88 19.02 -8.04
C ARG A 156 4.00 19.64 -6.96
N GLN A 157 4.51 20.69 -6.33
CA GLN A 157 3.69 21.41 -5.35
C GLN A 157 2.36 21.88 -5.92
N ARG A 158 2.31 22.20 -7.22
CA ARG A 158 1.10 22.69 -7.86
C ARG A 158 -0.03 21.68 -7.93
N HIS A 159 0.30 20.43 -7.59
CA HIS A 159 -0.65 19.33 -7.68
C HIS A 159 -1.45 19.05 -6.41
N VAL A 160 -1.21 19.82 -5.36
CA VAL A 160 -1.83 19.54 -4.06
C VAL A 160 -2.32 20.80 -3.38
N VAL A 161 -3.37 20.65 -2.57
CA VAL A 161 -3.85 21.73 -1.68
C VAL A 161 -4.28 21.08 -0.35
N VAL A 162 -4.09 21.81 0.74
CA VAL A 162 -4.48 21.36 2.08
C VAL A 162 -5.55 22.31 2.63
N ASP A 163 -6.69 21.76 3.02
CA ASP A 163 -7.77 22.54 3.65
C ASP A 163 -8.12 21.85 4.96
N GLY A 164 -7.64 22.38 6.08
CA GLY A 164 -7.71 21.69 7.35
C GLY A 164 -7.05 20.33 7.29
N ASN A 165 -7.83 19.28 7.56
CA ASN A 165 -7.29 17.92 7.51
C ASN A 165 -7.49 17.23 6.18
N THR A 166 -8.10 17.93 5.23
CA THR A 166 -8.33 17.38 3.88
C THR A 166 -7.13 17.74 3.01
N VAL A 167 -6.43 16.73 2.51
CA VAL A 167 -5.38 16.97 1.51
C VAL A 167 -5.96 16.50 0.17
N THR A 168 -5.96 17.36 -0.84
CA THR A 168 -6.51 17.02 -2.15
C THR A 168 -5.40 17.10 -3.19
N PHE A 169 -5.30 16.06 -4.03
CA PHE A 169 -4.36 16.03 -5.13
C PHE A 169 -5.13 16.08 -6.44
N ARG A 170 -4.66 16.87 -7.40
CA ARG A 170 -5.26 16.94 -8.74
C ARG A 170 -4.09 17.01 -9.73
N PHE A 171 -3.93 15.98 -10.54
CA PHE A 171 -2.78 15.89 -11.44
C PHE A 171 -3.07 15.03 -12.65
N LYS A 172 -2.31 15.24 -13.71
N LYS A 172 -2.33 15.24 -13.73
CA LYS A 172 -2.35 14.36 -14.90
CA LYS A 172 -2.42 14.36 -14.89
C LYS A 172 -1.56 13.11 -14.59
C LYS A 172 -1.58 13.12 -14.60
N GLY A 173 -2.26 11.97 -14.49
CA GLY A 173 -1.61 10.71 -14.20
C GLY A 173 -1.29 9.91 -15.45
N LYS A 174 -0.96 8.64 -15.25
CA LYS A 174 -0.54 7.76 -16.35
C LYS A 174 -1.59 7.71 -17.46
N HIS A 175 -1.08 7.74 -18.70
CA HIS A 175 -1.89 7.82 -19.93
C HIS A 175 -2.70 9.09 -20.11
N GLY A 176 -2.39 10.13 -19.33
CA GLY A 176 -3.07 11.40 -19.40
C GLY A 176 -4.39 11.50 -18.65
N VAL A 177 -4.69 10.50 -17.82
CA VAL A 177 -5.94 10.47 -17.09
CA VAL A 177 -5.94 10.48 -17.10
C VAL A 177 -5.88 11.56 -16.03
N SER A 178 -6.96 12.34 -15.90
CA SER A 178 -7.06 13.33 -14.84
CA SER A 178 -7.07 13.33 -14.83
C SER A 178 -7.31 12.57 -13.53
N GLN A 179 -6.38 12.68 -12.59
CA GLN A 179 -6.45 11.95 -11.33
C GLN A 179 -6.85 12.90 -10.21
N HIS A 180 -7.71 12.39 -9.32
CA HIS A 180 -8.10 13.09 -8.10
CA HIS A 180 -8.08 13.09 -8.08
C HIS A 180 -7.97 12.13 -6.92
N LYS A 181 -7.30 12.58 -5.86
CA LYS A 181 -7.14 11.76 -4.68
C LYS A 181 -7.25 12.66 -3.47
N ALA A 182 -7.64 12.09 -2.33
CA ALA A 182 -7.82 12.89 -1.13
C ALA A 182 -7.57 12.06 0.10
N THR A 183 -7.12 12.70 1.16
CA THR A 183 -6.84 12.02 2.44
C THR A 183 -7.42 12.85 3.59
N SER A 184 -7.65 12.20 4.72
CA SER A 184 -8.22 12.83 5.90
C SER A 184 -7.34 12.75 7.14
N ASP A 185 -6.19 12.08 7.02
CA ASP A 185 -5.29 11.83 8.14
C ASP A 185 -4.64 13.13 8.61
N ARG A 186 -4.67 13.36 9.93
CA ARG A 186 -4.11 14.56 10.55
C ARG A 186 -2.63 14.71 10.27
N THR A 187 -1.90 13.59 10.37
CA THR A 187 -0.44 13.59 10.22
C THR A 187 -0.06 13.96 8.79
N LEU A 188 -0.75 13.39 7.81
CA LEU A 188 -0.52 13.77 6.41
C LEU A 188 -0.76 15.25 6.21
N ALA A 189 -1.88 15.77 6.73
CA ALA A 189 -2.19 17.18 6.50
C ALA A 189 -1.15 18.11 7.11
N ALA A 190 -0.74 17.84 8.34
CA ALA A 190 0.24 18.69 9.03
C ALA A 190 1.61 18.69 8.31
N ASN A 191 2.04 17.51 7.86
CA ASN A 191 3.33 17.38 7.23
C ASN A 191 3.30 17.83 5.77
N MET A 192 2.14 17.71 5.11
CA MET A 192 2.02 18.26 3.76
CA MET A 192 2.04 18.26 3.75
C MET A 192 2.21 19.79 3.79
N GLN A 193 1.68 20.44 4.84
CA GLN A 193 1.88 21.87 5.00
C GLN A 193 3.37 22.20 5.11
N LYS A 194 4.10 21.41 5.89
CA LYS A 194 5.55 21.57 6.04
C LYS A 194 6.30 21.36 4.73
N LEU A 195 5.91 20.35 3.95
CA LEU A 195 6.52 20.15 2.63
C LEU A 195 6.29 21.36 1.71
N LEU A 196 5.07 21.86 1.72
CA LEU A 196 4.71 23.04 0.91
C LEU A 196 5.43 24.33 1.34
N ASP A 197 5.95 24.38 2.55
CA ASP A 197 6.76 25.53 2.99
C ASP A 197 8.15 25.57 2.36
N LEU A 198 8.63 24.44 1.83
CA LEU A 198 9.94 24.36 1.19
C LEU A 198 9.88 24.99 -0.21
N PRO A 199 11.01 25.53 -0.71
CA PRO A 199 11.02 26.08 -2.07
C PRO A 199 10.65 25.02 -3.11
N GLY A 200 9.86 25.43 -4.11
CA GLY A 200 9.33 24.54 -5.14
C GLY A 200 10.35 24.27 -6.23
N PRO A 201 9.92 23.64 -7.34
CA PRO A 201 8.58 23.22 -7.72
C PRO A 201 8.13 21.83 -7.25
N TRP A 202 9.04 21.02 -6.69
CA TRP A 202 8.77 19.61 -6.38
C TRP A 202 8.16 19.46 -5.00
N LEU A 203 7.33 18.43 -4.83
CA LEU A 203 6.60 18.26 -3.57
C LEU A 203 7.39 17.49 -2.52
N PHE A 204 7.90 16.32 -2.88
CA PHE A 204 8.51 15.41 -1.90
C PHE A 204 10.00 15.65 -1.84
N GLN A 205 10.38 16.44 -0.84
CA GLN A 205 11.76 16.80 -0.58
C GLN A 205 12.09 16.53 0.88
N THR A 206 13.38 16.34 1.14
CA THR A 206 13.85 16.12 2.50
C THR A 206 14.85 17.24 2.82
N VAL A 207 14.88 17.66 4.08
CA VAL A 207 15.78 18.71 4.59
CA VAL A 207 15.83 18.67 4.51
C VAL A 207 16.64 18.10 5.68
N ASP A 208 17.96 18.32 5.62
CA ASP A 208 18.87 17.74 6.63
C ASP A 208 19.05 18.76 7.74
N ALA A 209 18.89 18.32 8.98
CA ALA A 209 18.83 19.22 10.12
C ALA A 209 20.21 19.75 10.48
N GLY A 211 22.44 21.40 8.97
CA GLY A 211 22.95 22.32 7.95
C GLY A 211 21.85 22.93 7.09
N GLY A 212 20.80 22.16 6.79
CA GLY A 212 19.65 22.65 6.02
C GLY A 212 19.68 22.26 4.54
N GLU A 213 20.54 21.30 4.19
CA GLU A 213 20.68 20.84 2.81
C GLU A 213 19.37 20.18 2.38
N ARG A 214 18.95 20.42 1.14
CA ARG A 214 17.62 20.01 0.62
C ARG A 214 17.75 19.20 -0.66
N ARG A 215 16.98 18.12 -0.78
CA ARG A 215 16.94 17.32 -2.00
C ARG A 215 15.59 16.61 -2.14
N ARG A 216 15.34 16.08 -3.33
CA ARG A 216 14.11 15.33 -3.59
C ARG A 216 14.24 13.88 -3.14
N ILE A 217 13.10 13.27 -2.80
CA ILE A 217 13.01 11.82 -2.73
C ILE A 217 12.55 11.32 -4.11
N HIS A 218 13.41 10.56 -4.77
CA HIS A 218 13.11 9.98 -6.07
C HIS A 218 12.58 8.55 -5.92
N SER A 219 12.00 8.02 -7.00
CA SER A 219 11.44 6.67 -7.00
C SER A 219 12.41 5.58 -6.53
N THR A 220 13.67 5.62 -6.97
CA THR A 220 14.61 4.58 -6.57
C THR A 220 14.80 4.48 -5.05
N GLU A 221 14.93 5.64 -4.41
CA GLU A 221 15.09 5.71 -2.96
C GLU A 221 13.81 5.20 -2.24
N LEU A 222 12.65 5.63 -2.71
CA LEU A 222 11.39 5.17 -2.12
C LEU A 222 11.22 3.68 -2.30
N ASN A 223 11.53 3.17 -3.49
CA ASN A 223 11.41 1.73 -3.72
C ASN A 223 12.34 0.91 -2.82
N ALA A 224 13.51 1.44 -2.48
CA ALA A 224 14.42 0.79 -1.51
C ALA A 224 13.85 0.75 -0.10
N TYR A 225 13.20 1.84 0.30
CA TYR A 225 12.51 1.93 1.58
C TYR A 225 11.40 0.89 1.66
N LEU A 226 10.60 0.81 0.59
CA LEU A 226 9.53 -0.19 0.51
C LEU A 226 10.09 -1.63 0.57
N ARG A 227 11.20 -1.90 -0.12
CA ARG A 227 11.83 -3.21 0.02
C ARG A 227 12.10 -3.56 1.48
N GLU A 228 12.62 -2.58 2.23
CA GLU A 228 12.85 -2.77 3.66
C GLU A 228 11.59 -3.05 4.43
N VAL A 229 10.54 -2.24 4.24
CA VAL A 229 9.38 -2.29 5.13
C VAL A 229 8.28 -3.27 4.69
N ILE A 230 8.23 -3.63 3.41
CA ILE A 230 7.25 -4.61 2.93
C ILE A 230 7.76 -5.74 2.00
N GLY A 231 9.01 -5.68 1.56
CA GLY A 231 9.52 -6.72 0.64
C GLY A 231 9.27 -8.12 1.20
N PRO A 232 8.90 -9.09 0.33
CA PRO A 232 8.85 -9.08 -1.12
C PRO A 232 7.64 -8.41 -1.76
N PHE A 233 6.71 -7.88 -0.97
CA PHE A 233 5.61 -7.13 -1.54
C PHE A 233 6.17 -5.84 -2.12
N THR A 234 5.46 -5.26 -3.08
CA THR A 234 5.93 -4.06 -3.77
C THR A 234 4.85 -2.97 -3.75
N ALA A 235 5.20 -1.79 -4.25
CA ALA A 235 4.24 -0.70 -4.32
C ALA A 235 2.94 -1.11 -5.03
N LYS A 236 3.00 -2.00 -6.02
CA LYS A 236 1.80 -2.40 -6.75
C LYS A 236 0.78 -3.09 -5.83
N ASP A 237 1.28 -3.79 -4.82
CA ASP A 237 0.38 -4.45 -3.88
C ASP A 237 -0.52 -3.46 -3.13
N PHE A 238 -0.10 -2.22 -2.97
CA PHE A 238 -1.00 -1.22 -2.36
C PHE A 238 -2.19 -0.91 -3.26
N ARG A 239 -2.00 -1.01 -4.57
CA ARG A 239 -3.08 -0.72 -5.51
C ARG A 239 -4.04 -1.89 -5.67
N THR A 240 -3.54 -3.12 -5.66
CA THR A 240 -4.39 -4.30 -5.70
C THR A 240 -5.14 -4.48 -4.37
N TRP A 241 -4.45 -4.36 -3.24
CA TRP A 241 -5.12 -4.35 -1.94
C TRP A 241 -6.11 -3.19 -1.82
N GLY A 242 -5.65 -1.97 -2.11
CA GLY A 242 -6.53 -0.81 -2.00
C GLY A 242 -7.70 -0.80 -2.96
N GLY A 243 -7.49 -1.23 -4.21
CA GLY A 243 -8.60 -1.41 -5.13
C GLY A 243 -9.66 -2.39 -4.67
N THR A 244 -9.20 -3.53 -4.13
CA THR A 244 -10.07 -4.56 -3.58
C THR A 244 -10.83 -4.03 -2.34
N LEU A 245 -10.11 -3.30 -1.47
CA LEU A 245 -10.72 -2.70 -0.28
C LEU A 245 -11.81 -1.69 -0.67
N LEU A 246 -11.47 -0.78 -1.59
CA LEU A 246 -12.43 0.23 -2.04
C LEU A 246 -13.68 -0.42 -2.65
N ALA A 247 -13.47 -1.44 -3.47
CA ALA A 247 -14.58 -2.22 -4.02
C ALA A 247 -15.43 -2.85 -2.92
N ALA A 248 -14.78 -3.46 -1.94
CA ALA A 248 -15.51 -4.13 -0.86
C ALA A 248 -16.32 -3.12 -0.02
N GLU A 249 -15.72 -1.98 0.27
CA GLU A 249 -16.41 -0.89 0.99
C GLU A 249 -17.60 -0.39 0.23
N TYR A 250 -17.38 -0.15 -1.06
CA TYR A 250 -18.45 0.30 -1.96
C TYR A 250 -19.61 -0.68 -1.92
N LEU A 251 -19.34 -1.97 -2.13
CA LEU A 251 -20.42 -2.94 -2.15
C LEU A 251 -21.16 -3.03 -0.80
N ALA A 252 -20.42 -2.96 0.31
CA ALA A 252 -21.03 -3.01 1.64
C ALA A 252 -21.97 -1.81 1.83
N GLN A 253 -21.54 -0.66 1.34
CA GLN A 253 -22.29 0.57 1.49
C GLN A 253 -23.49 0.63 0.57
N GLN A 254 -23.33 0.20 -0.67
CA GLN A 254 -24.45 0.14 -1.61
C GLN A 254 -25.49 -0.84 -1.10
N GLY A 255 -25.03 -2.00 -0.66
CA GLY A 255 -25.89 -3.02 -0.07
C GLY A 255 -26.20 -4.08 -1.08
N THR A 256 -26.59 -5.25 -0.57
CA THR A 256 -26.86 -6.42 -1.40
C THR A 256 -28.20 -6.27 -2.14
N GLU A 257 -28.34 -7.08 -3.18
CA GLU A 257 -29.52 -7.06 -4.04
C GLU A 257 -30.21 -8.40 -3.94
N SER A 258 -31.53 -8.43 -4.08
CA SER A 258 -32.29 -9.67 -3.98
C SER A 258 -32.12 -10.57 -5.20
N SER A 259 -31.99 -9.97 -6.38
CA SER A 259 -31.79 -10.74 -7.61
C SER A 259 -30.35 -10.64 -8.07
N GLU A 260 -29.84 -11.73 -8.63
CA GLU A 260 -28.45 -11.80 -9.08
C GLU A 260 -28.20 -10.86 -10.25
N ARG A 261 -29.23 -10.64 -11.06
CA ARG A 261 -29.13 -9.75 -12.21
C ARG A 261 -28.96 -8.30 -11.75
N GLN A 262 -29.70 -7.92 -10.72
CA GLN A 262 -29.58 -6.57 -10.15
C GLN A 262 -28.23 -6.40 -9.44
N ALA A 263 -27.76 -7.47 -8.79
CA ALA A 263 -26.45 -7.49 -8.14
C ALA A 263 -25.33 -7.25 -9.15
N LYS A 264 -25.43 -7.86 -10.32
CA LYS A 264 -24.41 -7.70 -11.34
C LYS A 264 -24.32 -6.26 -11.88
N LYS A 265 -25.45 -5.55 -11.89
CA LYS A 265 -25.45 -4.13 -12.23
C LYS A 265 -24.65 -3.32 -11.21
N VAL A 266 -24.79 -3.68 -9.94
CA VAL A 266 -24.05 -2.97 -8.88
C VAL A 266 -22.54 -3.21 -9.07
N LEU A 267 -22.18 -4.44 -9.42
CA LEU A 267 -20.78 -4.78 -9.69
C LEU A 267 -20.21 -3.93 -10.83
N VAL A 268 -20.99 -3.70 -11.88
CA VAL A 268 -20.56 -2.80 -12.96
C VAL A 268 -20.24 -1.40 -12.44
N ASP A 269 -21.15 -0.83 -11.64
CA ASP A 269 -20.94 0.49 -11.05
C ASP A 269 -19.71 0.53 -10.16
N CYS A 270 -19.51 -0.55 -9.38
CA CYS A 270 -18.37 -0.69 -8.49
C CYS A 270 -17.05 -0.65 -9.27
N VAL A 271 -16.95 -1.47 -10.32
CA VAL A 271 -15.75 -1.52 -11.15
C VAL A 271 -15.43 -0.16 -11.74
N LYS A 272 -16.45 0.55 -12.20
CA LYS A 272 -16.24 1.87 -12.80
CA LYS A 272 -16.27 1.89 -12.79
C LYS A 272 -15.78 2.90 -11.76
N PHE A 273 -16.28 2.79 -10.53
CA PHE A 273 -15.89 3.71 -9.45
C PHE A 273 -14.43 3.48 -9.08
N VAL A 274 -14.06 2.22 -8.87
CA VAL A 274 -12.69 1.89 -8.50
C VAL A 274 -11.74 2.21 -9.66
N ALA A 275 -12.20 1.97 -10.90
CA ALA A 275 -11.41 2.27 -12.09
C ALA A 275 -11.05 3.74 -12.15
N ASP A 276 -12.01 4.59 -11.82
CA ASP A 276 -11.78 6.03 -11.77
C ASP A 276 -10.78 6.41 -10.67
N ASP A 277 -10.92 5.81 -9.49
CA ASP A 277 -9.95 6.00 -8.43
C ASP A 277 -8.53 5.61 -8.86
N LEU A 278 -8.39 4.46 -9.50
CA LEU A 278 -7.07 3.92 -9.86
C LEU A 278 -6.49 4.53 -11.15
N GLY A 279 -7.34 5.20 -11.92
CA GLY A 279 -6.91 5.78 -13.20
C GLY A 279 -6.64 4.72 -14.26
N ASN A 280 -7.48 3.69 -14.27
CA ASN A 280 -7.40 2.57 -15.21
CA ASN A 280 -7.36 2.68 -15.32
C ASN A 280 -8.72 2.35 -15.90
N THR A 281 -8.70 1.53 -16.95
CA THR A 281 -9.94 1.16 -17.61
C THR A 281 -10.69 0.19 -16.69
N PRO A 282 -12.03 0.17 -16.78
CA PRO A 282 -12.78 -0.86 -16.06
C PRO A 282 -12.31 -2.30 -16.33
N ALA A 283 -11.98 -2.61 -17.58
CA ALA A 283 -11.49 -3.94 -17.92
C ALA A 283 -10.21 -4.31 -17.17
N VAL A 284 -9.25 -3.38 -17.09
CA VAL A 284 -8.00 -3.63 -16.40
C VAL A 284 -8.24 -3.72 -14.88
N THR A 285 -9.17 -2.92 -14.39
CA THR A 285 -9.49 -2.89 -12.95
C THR A 285 -10.10 -4.24 -12.52
N ARG A 286 -11.08 -4.71 -13.28
CA ARG A 286 -11.72 -5.99 -12.99
C ARG A 286 -10.74 -7.15 -13.18
N GLY A 287 -9.93 -7.07 -14.22
CA GLY A 287 -8.98 -8.15 -14.54
C GLY A 287 -7.77 -8.30 -13.65
N SER A 288 -7.22 -7.18 -13.14
CA SER A 288 -5.93 -7.19 -12.46
C SER A 288 -5.91 -6.60 -11.04
N TYR A 289 -6.93 -5.84 -10.65
CA TYR A 289 -6.86 -5.13 -9.39
C TYR A 289 -7.83 -5.65 -8.32
N ILE A 290 -9.12 -5.79 -8.66
CA ILE A 290 -10.10 -6.22 -7.66
C ILE A 290 -10.11 -7.74 -7.56
N CYS A 291 -9.86 -8.26 -6.37
CA CYS A 291 -9.91 -9.71 -6.15
C CYS A 291 -11.35 -10.21 -6.35
N PRO A 292 -11.56 -11.22 -7.22
CA PRO A 292 -12.91 -11.66 -7.52
C PRO A 292 -13.66 -12.26 -6.35
N VAL A 293 -12.94 -12.70 -5.33
CA VAL A 293 -13.57 -13.21 -4.14
C VAL A 293 -14.59 -12.23 -3.54
N ILE A 294 -14.27 -10.94 -3.56
CA ILE A 294 -15.17 -9.91 -3.02
CA ILE A 294 -15.21 -9.97 -2.97
C ILE A 294 -16.51 -9.88 -3.76
N PHE A 295 -16.43 -10.05 -5.09
CA PHE A 295 -17.61 -10.09 -5.96
C PHE A 295 -18.41 -11.39 -5.74
N ASP A 296 -17.71 -12.52 -5.63
CA ASP A 296 -18.35 -13.80 -5.27
C ASP A 296 -19.18 -13.66 -4.00
N ARG A 297 -18.59 -13.10 -2.94
CA ARG A 297 -19.33 -12.94 -1.70
C ARG A 297 -20.55 -12.04 -1.88
N TYR A 298 -20.38 -10.93 -2.60
CA TYR A 298 -21.49 -10.02 -2.86
C TYR A 298 -22.66 -10.73 -3.55
N LEU A 299 -22.33 -11.55 -4.54
CA LEU A 299 -23.34 -12.29 -5.30
C LEU A 299 -24.08 -13.34 -4.45
N ASP A 300 -23.45 -13.78 -3.36
CA ASP A 300 -24.06 -14.65 -2.36
C ASP A 300 -24.67 -13.87 -1.19
N GLY A 301 -24.75 -12.55 -1.29
CA GLY A 301 -25.40 -11.70 -0.29
C GLY A 301 -24.56 -11.38 0.93
N LYS A 302 -23.24 -11.44 0.79
CA LYS A 302 -22.34 -11.21 1.92
C LYS A 302 -21.41 -10.04 1.61
N VAL A 303 -21.21 -9.18 2.59
CA VAL A 303 -20.38 -7.97 2.43
C VAL A 303 -19.45 -7.84 3.63
N LEU A 304 -18.62 -6.80 3.66
CA LEU A 304 -17.63 -6.66 4.76
C LEU A 304 -18.28 -6.78 6.15
N ASP A 305 -19.46 -6.19 6.32
CA ASP A 305 -20.20 -6.24 7.59
C ASP A 305 -20.32 -7.66 8.16
N ASP A 306 -20.43 -8.64 7.28
CA ASP A 306 -20.62 -10.05 7.69
C ASP A 306 -19.34 -10.72 8.18
N TYR A 307 -18.19 -10.07 8.00
CA TYR A 307 -16.90 -10.63 8.37
C TYR A 307 -16.21 -9.86 9.50
N GLU A 308 -16.98 -9.15 10.29
CA GLU A 308 -16.48 -8.46 11.47
CA GLU A 308 -16.46 -8.46 11.45
C GLU A 308 -16.00 -9.49 12.49
N PRO A 309 -14.99 -9.15 13.28
CA PRO A 309 -14.53 -10.12 14.29
C PRO A 309 -15.63 -10.43 15.29
N ARG A 310 -15.63 -11.66 15.83
CA ARG A 310 -16.70 -12.15 16.70
C ARG A 310 -16.23 -12.44 18.14
N THR A 311 -14.93 -12.37 18.37
CA THR A 311 -14.33 -12.59 19.69
C THR A 311 -13.27 -11.54 19.92
N GLU A 312 -12.82 -11.41 21.17
CA GLU A 312 -11.84 -10.39 21.51
C GLU A 312 -10.51 -10.66 20.81
N ARG A 313 -10.07 -11.92 20.75
CA ARG A 313 -8.83 -12.21 20.03
C ARG A 313 -8.97 -11.99 18.51
N GLN A 314 -10.13 -12.34 17.95
CA GLN A 314 -10.34 -12.09 16.52
C GLN A 314 -10.20 -10.61 16.19
N GLU A 315 -10.62 -9.75 17.09
CA GLU A 315 -10.42 -8.30 16.91
C GLU A 315 -8.95 -7.93 17.13
N ALA A 316 -8.36 -8.47 18.19
CA ALA A 316 -6.97 -8.15 18.50
C ALA A 316 -6.00 -8.51 17.38
N GLU A 317 -6.29 -9.59 16.64
CA GLU A 317 -5.42 -10.04 15.55
CA GLU A 317 -5.39 -10.01 15.57
C GLU A 317 -5.47 -9.11 14.34
N LEU A 318 -6.43 -8.17 14.35
CA LEU A 318 -6.61 -7.18 13.29
C LEU A 318 -5.99 -5.83 13.66
N GLU A 319 -5.25 -5.76 14.76
CA GLU A 319 -4.57 -4.51 15.16
C GLU A 319 -3.61 -4.08 14.04
N GLY A 320 -3.60 -2.78 13.73
CA GLY A 320 -2.77 -2.27 12.65
C GLY A 320 -3.45 -2.26 11.28
N LEU A 321 -4.70 -2.74 11.25
CA LEU A 321 -5.59 -2.65 10.09
C LEU A 321 -6.74 -1.74 10.45
N THR A 322 -7.28 -1.04 9.45
CA THR A 322 -8.50 -0.28 9.70
C THR A 322 -9.66 -1.29 9.87
N ARG A 323 -10.80 -0.81 10.36
CA ARG A 323 -11.97 -1.66 10.55
C ARG A 323 -12.32 -2.39 9.24
N SER A 324 -12.39 -1.64 8.14
CA SER A 324 -12.73 -2.26 6.86
CA SER A 324 -12.71 -2.24 6.84
C SER A 324 -11.63 -3.20 6.36
N GLU A 325 -10.36 -2.87 6.60
CA GLU A 325 -9.25 -3.74 6.21
C GLU A 325 -9.30 -5.08 6.95
N GLY A 326 -9.65 -5.02 8.23
CA GLY A 326 -9.78 -6.21 9.04
C GLY A 326 -10.87 -7.11 8.51
N ALA A 327 -12.01 -6.51 8.20
CA ALA A 327 -13.13 -7.27 7.65
C ALA A 327 -12.75 -7.87 6.30
N LEU A 328 -12.03 -7.10 5.47
CA LEU A 328 -11.55 -7.63 4.19
C LEU A 328 -10.63 -8.84 4.35
N LYS A 329 -9.69 -8.74 5.29
CA LYS A 329 -8.80 -9.84 5.56
C LYS A 329 -9.60 -11.11 5.88
N ARG A 330 -10.58 -10.96 6.76
CA ARG A 330 -11.42 -12.09 7.16
C ARG A 330 -12.26 -12.62 6.00
N MET A 331 -12.76 -11.71 5.16
CA MET A 331 -13.49 -12.15 3.95
C MET A 331 -12.58 -12.97 3.03
N LEU A 332 -11.36 -12.49 2.78
CA LEU A 332 -10.43 -13.24 1.93
C LEU A 332 -10.09 -14.58 2.55
N GLU A 333 -9.92 -14.60 3.87
CA GLU A 333 -9.64 -15.84 4.59
C GLU A 333 -10.76 -16.89 4.43
N SER A 334 -11.99 -16.46 4.17
CA SER A 334 -13.09 -17.42 3.98
C SER A 334 -12.89 -18.29 2.72
N GLU A 335 -12.10 -17.82 1.77
CA GLU A 335 -11.85 -18.59 0.54
C GLU A 335 -11.02 -19.83 0.86
N ARG A 336 -10.07 -19.67 1.79
CA ARG A 336 -9.28 -20.80 2.29
C ARG A 336 -10.17 -21.82 2.97
N THR A 337 -11.08 -21.32 3.81
CA THR A 337 -12.01 -22.17 4.55
C THR A 337 -12.97 -22.91 3.62
N LEU A 338 -13.26 -22.29 2.47
CA LEU A 338 -14.16 -22.82 1.43
C LEU A 338 -15.54 -22.18 1.58
C ACY D . 0.69 3.81 6.49
O ACY D . 1.16 4.64 7.31
OXT ACY D . -0.53 3.76 6.21
CH3 ACY D . 1.62 2.84 5.85
C ACY E . -13.69 24.59 4.15
O ACY E . -13.40 24.56 2.94
OXT ACY E . -13.22 23.81 5.01
CH3 ACY E . -14.64 25.66 4.62
MG MG F . 1.64 18.93 18.85
#